data_4ZKO
#
_entry.id   4ZKO
#
_cell.length_a   121.149
_cell.length_b   121.149
_cell.length_c   42.914
_cell.angle_alpha   90.00
_cell.angle_beta   90.00
_cell.angle_gamma   120.00
#
_symmetry.space_group_name_H-M   'H 3'
#
loop_
_entity.id
_entity.type
_entity.pdbx_description
1 polymer 'Urokinase-type plasminogen activator'
2 polymer 'N-terminal fragment of upain-1-W3A'
3 polymer 'C-terminal fragment of upain-1-W3A'
4 non-polymer 'SULFATE ION'
5 non-polymer 'HEXAETHYLENE GLYCOL'
6 water water
#
loop_
_entity_poly.entity_id
_entity_poly.type
_entity_poly.pdbx_seq_one_letter_code
_entity_poly.pdbx_strand_id
1 'polypeptide(L)'
;IIGGEFTTIENQPWFAAIYRRHRGGSVTYVCGGSLISPCWVISATHCFIDYPKKEDYIVYLGRSRLNSNTQGEMKFEVEN
LILHKDYSADTLAHHNDIALLKIRSKEGRCAQPSRTIQTIALPSMYNDPQFGTSCEITGFGKEQSTDYLYPEQLKMTVVK
LISHRECQQPHYYGSEVTTKMLCAADPQWKTDSCQGDSGGPLVCSLQGRMTLTGIVSWGRGCALKDKPGVYTRVSHFLPW
IRSHTKE
;
U
2 'polypeptide(L)' CSAR P
3 'polypeptide(L)' GLENHRMC Q
#
# COMPACT_ATOMS: atom_id res chain seq x y z
N ILE A 1 -9.13 2.67 -6.19
CA ILE A 1 -10.25 2.48 -5.23
C ILE A 1 -11.60 2.49 -5.96
N ILE A 2 -12.29 1.36 -5.90
CA ILE A 2 -13.67 1.26 -6.37
C ILE A 2 -14.58 1.86 -5.30
N GLY A 3 -15.47 2.78 -5.70
CA GLY A 3 -16.36 3.44 -4.75
C GLY A 3 -15.57 4.35 -3.83
N GLY A 4 -15.97 4.40 -2.58
CA GLY A 4 -15.34 5.31 -1.63
C GLY A 4 -15.46 6.78 -2.03
N GLU A 5 -14.45 7.57 -1.68
CA GLU A 5 -14.54 9.02 -1.75
C GLU A 5 -13.20 9.62 -2.13
N PHE A 6 -13.22 10.78 -2.77
CA PHE A 6 -12.00 11.52 -3.00
C PHE A 6 -11.50 12.10 -1.70
N THR A 7 -10.19 12.37 -1.66
CA THR A 7 -9.56 12.91 -0.47
C THR A 7 -8.36 13.73 -0.90
N THR A 8 -7.69 14.33 0.07
CA THR A 8 -6.43 14.99 -0.17
C THR A 8 -5.45 14.41 0.84
N ILE A 9 -4.18 14.78 0.68
CA ILE A 9 -3.10 14.15 1.43
C ILE A 9 -3.18 14.45 2.94
N GLU A 10 -3.83 15.55 3.31
CA GLU A 10 -4.03 15.87 4.73
C GLU A 10 -4.73 14.76 5.48
N ASN A 11 -5.55 13.99 4.78
CA ASN A 11 -6.29 12.89 5.39
C ASN A 11 -5.57 11.54 5.40
N GLN A 12 -4.37 11.53 4.83
CA GLN A 12 -3.52 10.34 4.87
C GLN A 12 -2.08 10.78 4.65
N PRO A 13 -1.51 11.57 5.59
CA PRO A 13 -0.25 12.28 5.31
C PRO A 13 1.01 11.39 5.29
N TRP A 14 0.86 10.12 5.62
CA TRP A 14 1.93 9.13 5.43
C TRP A 14 1.93 8.53 4.03
N PHE A 15 0.94 8.84 3.21
CA PHE A 15 0.83 8.18 1.92
C PHE A 15 1.95 8.63 0.96
N ALA A 16 2.60 7.65 0.35
CA ALA A 16 3.70 7.90 -0.58
C ALA A 16 3.29 7.48 -1.98
N ALA A 17 3.57 8.33 -2.95
CA ALA A 17 3.22 8.10 -4.34
C ALA A 17 4.52 7.73 -5.08
N ILE A 18 4.57 6.52 -5.64
CA ILE A 18 5.81 5.97 -6.21
C ILE A 18 5.68 5.81 -7.72
N TYR A 19 6.65 6.38 -8.43
CA TYR A 19 6.69 6.43 -9.89
C TYR A 19 7.98 5.80 -10.42
N ARG A 20 7.97 5.43 -11.69
CA ARG A 20 9.15 4.87 -12.34
C ARG A 20 9.46 5.65 -13.61
N ARG A 21 10.74 6.01 -13.77
CA ARG A 21 11.27 6.61 -14.98
C ARG A 21 11.63 5.52 -15.98
N HIS A 22 11.15 5.67 -17.21
CA HIS A 22 11.45 4.72 -18.28
C HIS A 22 12.63 5.23 -19.09
N ARG A 23 13.31 4.32 -19.78
CA ARG A 23 14.25 4.72 -20.83
C ARG A 23 13.46 5.48 -21.88
N GLY A 24 13.93 6.69 -22.19
CA GLY A 24 13.16 7.63 -23.01
C GLY A 24 12.74 8.85 -22.21
N GLY A 25 12.66 8.70 -20.89
CA GLY A 25 12.38 9.83 -19.99
C GLY A 25 11.00 9.87 -19.39
N SER A 26 10.08 9.05 -19.93
CA SER A 26 8.70 9.01 -19.45
C SER A 26 8.62 8.48 -18.02
N VAL A 27 7.76 9.12 -17.22
CA VAL A 27 7.53 8.72 -15.83
C VAL A 27 6.09 8.23 -15.67
N THR A 28 5.91 7.03 -15.12
CA THR A 28 4.58 6.46 -14.90
C THR A 28 4.40 6.09 -13.43
N TYR A 29 3.15 6.10 -12.96
CA TYR A 29 2.84 5.68 -11.59
C TYR A 29 2.99 4.18 -11.42
N VAL A 30 3.58 3.79 -10.30
CA VAL A 30 3.79 2.39 -9.97
C VAL A 30 2.82 1.89 -8.90
N CYS A 31 2.90 2.49 -7.70
CA CYS A 31 2.21 1.97 -6.53
C CYS A 31 2.23 3.00 -5.44
N GLY A 32 1.42 2.73 -4.43
CA GLY A 32 1.45 3.49 -3.20
C GLY A 32 2.46 2.94 -2.19
N GLY A 33 2.60 3.66 -1.08
CA GLY A 33 3.49 3.25 -0.01
C GLY A 33 3.09 4.06 1.22
N SER A 34 3.75 3.78 2.34
CA SER A 34 3.48 4.52 3.58
C SER A 34 4.78 4.91 4.27
N LEU A 35 4.86 6.16 4.72
CA LEU A 35 6.02 6.66 5.46
C LEU A 35 5.98 6.14 6.89
N ILE A 36 6.98 5.34 7.28
CA ILE A 36 7.00 4.73 8.62
C ILE A 36 8.05 5.40 9.50
N SER A 37 8.97 6.13 8.89
CA SER A 37 9.95 6.97 9.60
C SER A 37 10.46 7.98 8.58
N PRO A 38 11.19 9.03 9.00
CA PRO A 38 11.53 10.07 8.03
C PRO A 38 12.24 9.57 6.75
N CYS A 39 13.06 8.52 6.86
CA CYS A 39 13.84 8.05 5.71
C CYS A 39 13.28 6.79 5.07
N TRP A 40 12.17 6.26 5.58
CA TRP A 40 11.67 4.95 5.15
C TRP A 40 10.21 4.87 4.76
N VAL A 41 9.98 4.36 3.55
CA VAL A 41 8.65 4.12 3.01
C VAL A 41 8.48 2.61 2.87
N ILE A 42 7.33 2.09 3.31
CA ILE A 42 7.03 0.66 3.16
C ILE A 42 5.98 0.43 2.09
N SER A 43 6.15 -0.61 1.30
CA SER A 43 5.29 -0.87 0.16
C SER A 43 5.24 -2.39 -0.10
N ALA A 44 4.92 -2.79 -1.33
CA ALA A 44 4.79 -4.20 -1.69
C ALA A 44 5.88 -4.59 -2.70
N THR A 45 6.54 -5.73 -2.46
CA THR A 45 7.56 -6.24 -3.39
C THR A 45 7.05 -6.42 -4.82
N HIS A 46 5.82 -6.87 -5.00
CA HIS A 46 5.33 -7.15 -6.37
C HIS A 46 5.35 -5.89 -7.26
N CYS A 47 5.35 -4.71 -6.63
CA CYS A 47 5.38 -3.44 -7.35
C CYS A 47 6.69 -3.20 -8.05
N PHE A 48 7.74 -3.86 -7.59
CA PHE A 48 9.12 -3.54 -7.99
C PHE A 48 9.91 -4.71 -8.56
N ILE A 49 9.38 -5.93 -8.41
CA ILE A 49 10.13 -7.15 -8.69
C ILE A 49 10.63 -7.21 -10.15
N ASP A 50 9.84 -6.71 -11.09
CA ASP A 50 10.21 -6.74 -12.51
C ASP A 50 11.25 -5.68 -12.87
N TYR A 51 11.39 -4.65 -12.03
CA TYR A 51 12.38 -3.58 -12.22
C TYR A 51 13.05 -3.25 -10.88
N PRO A 52 13.98 -4.12 -10.40
CA PRO A 52 14.52 -3.96 -9.03
C PRO A 52 15.55 -2.85 -8.83
N LYS A 53 15.91 -2.14 -9.90
CA LYS A 53 16.95 -1.11 -9.85
C LYS A 53 16.43 0.17 -9.18
N LYS A 54 17.06 0.56 -8.08
CA LYS A 54 16.60 1.70 -7.28
C LYS A 54 16.59 3.03 -8.04
N GLU A 55 17.49 3.18 -9.00
CA GLU A 55 17.65 4.44 -9.75
C GLU A 55 16.46 4.73 -10.68
N ASP A 56 15.61 3.73 -10.90
CA ASP A 56 14.45 3.85 -11.76
C ASP A 56 13.30 4.65 -11.12
N TYR A 57 13.35 4.86 -9.81
CA TYR A 57 12.17 5.27 -9.05
C TYR A 57 12.19 6.69 -8.52
N ILE A 58 11.00 7.28 -8.43
CA ILE A 58 10.78 8.59 -7.82
C ILE A 58 9.67 8.41 -6.78
N VAL A 59 9.88 8.94 -5.58
CA VAL A 59 8.89 8.89 -4.50
C VAL A 59 8.48 10.31 -4.12
N TYR A 60 7.17 10.54 -4.02
CA TYR A 60 6.66 11.81 -3.52
C TYR A 60 5.93 11.60 -2.21
N LEU A 61 6.08 12.58 -1.32
CA LEU A 61 5.29 12.70 -0.12
C LEU A 61 4.55 14.03 -0.19
N GLY A 62 3.41 14.10 0.50
CA GLY A 62 2.58 15.31 0.49
C GLY A 62 1.91 15.58 -0.85
N ARG A 63 1.66 14.53 -1.63
CA ARG A 63 1.05 14.68 -2.94
C ARG A 63 -0.37 14.11 -2.96
N SER A 64 -1.31 14.93 -3.42
CA SER A 64 -2.75 14.59 -3.47
C SER A 64 -3.24 14.26 -4.89
N ARG A 65 -2.42 14.59 -5.89
CA ARG A 65 -2.80 14.44 -7.27
C ARG A 65 -1.78 13.63 -8.02
N LEU A 66 -2.22 12.88 -9.02
CA LEU A 66 -1.38 11.92 -9.70
C LEU A 66 -0.41 12.57 -10.67
N ASN A 67 -0.90 13.48 -11.46
CA ASN A 67 -0.07 14.04 -12.53
C ASN A 67 0.12 15.54 -12.42
N SER A 68 -0.11 16.08 -11.23
CA SER A 68 0.08 17.47 -10.91
C SER A 68 0.78 17.59 -9.58
N ASN A 69 1.59 18.63 -9.42
CA ASN A 69 2.25 18.85 -8.16
C ASN A 69 1.24 19.37 -7.14
N THR A 70 1.43 18.95 -5.90
CA THR A 70 0.63 19.45 -4.80
C THR A 70 1.52 20.42 -4.03
N GLN A 71 0.96 21.58 -3.69
CA GLN A 71 1.72 22.57 -2.94
C GLN A 71 2.24 21.95 -1.64
N GLY A 72 3.54 22.11 -1.41
CA GLY A 72 4.18 21.54 -0.23
C GLY A 72 4.77 20.15 -0.38
N GLU A 73 4.60 19.52 -1.54
CA GLU A 73 5.09 18.16 -1.72
C GLU A 73 6.63 18.11 -1.64
N MET A 74 7.14 16.91 -1.32
CA MET A 74 8.57 16.65 -1.38
C MET A 74 8.84 15.49 -2.33
N LYS A 75 9.92 15.62 -3.09
CA LYS A 75 10.36 14.65 -4.09
C LYS A 75 11.67 13.97 -3.66
N PHE A 76 11.71 12.64 -3.78
CA PHE A 76 12.86 11.84 -3.35
C PHE A 76 13.33 10.85 -4.39
N GLU A 77 14.64 10.62 -4.39
CA GLU A 77 15.23 9.49 -5.06
C GLU A 77 15.15 8.30 -4.10
N VAL A 78 15.35 7.10 -4.63
CA VAL A 78 15.38 5.91 -3.80
C VAL A 78 16.84 5.52 -3.56
N GLU A 79 17.28 5.70 -2.32
CA GLU A 79 18.65 5.41 -1.93
C GLU A 79 18.89 3.90 -1.83
N ASN A 80 17.86 3.16 -1.41
CA ASN A 80 17.89 1.70 -1.37
C ASN A 80 16.49 1.12 -1.56
N LEU A 81 16.41 0.08 -2.38
CA LEU A 81 15.15 -0.61 -2.65
C LEU A 81 15.30 -2.03 -2.13
N ILE A 82 14.59 -2.35 -1.06
CA ILE A 82 14.76 -3.62 -0.36
C ILE A 82 13.52 -4.48 -0.52
N LEU A 83 13.67 -5.60 -1.23
CA LEU A 83 12.58 -6.52 -1.50
C LEU A 83 12.68 -7.71 -0.54
N HIS A 84 11.55 -8.32 -0.21
CA HIS A 84 11.58 -9.44 0.72
C HIS A 84 12.11 -10.70 0.01
N LYS A 85 13.17 -11.30 0.54
CA LYS A 85 13.84 -12.43 -0.12
C LYS A 85 12.99 -13.69 -0.25
N ASP A 86 11.94 -13.81 0.56
CA ASP A 86 11.00 -14.95 0.48
C ASP A 86 9.73 -14.65 -0.32
N TYR A 87 9.75 -13.56 -1.09
CA TYR A 87 8.66 -13.25 -2.00
C TYR A 87 8.38 -14.44 -2.93
N SER A 88 7.11 -14.72 -3.14
CA SER A 88 6.78 -15.65 -4.21
C SER A 88 5.56 -15.20 -4.96
N ALA A 89 5.66 -15.26 -6.28
CA ALA A 89 4.53 -15.03 -7.16
C ALA A 89 3.85 -16.38 -7.31
N ASP A 90 2.92 -16.64 -6.41
CA ASP A 90 2.19 -17.90 -6.38
C ASP A 90 0.77 -17.70 -6.88
N THR A 91 0.64 -17.60 -8.21
CA THR A 91 -0.65 -17.49 -8.89
C THR A 91 -1.55 -16.44 -8.21
N LEU A 92 -1.25 -15.18 -8.46
CA LEU A 92 -2.01 -14.05 -7.91
C LEU A 92 -1.62 -13.76 -6.46
N ALA A 93 -1.66 -14.81 -5.63
CA ALA A 93 -1.56 -14.68 -4.18
C ALA A 93 -0.12 -14.60 -3.70
N HIS A 94 0.46 -13.41 -3.82
CA HIS A 94 1.86 -13.20 -3.52
C HIS A 94 2.18 -13.42 -2.03
N HIS A 95 3.20 -14.21 -1.74
CA HIS A 95 3.68 -14.38 -0.37
C HIS A 95 4.73 -13.34 -0.07
N ASN A 96 4.77 -12.89 1.19
CA ASN A 96 5.81 -11.96 1.65
C ASN A 96 5.90 -10.71 0.79
N ASP A 97 4.72 -10.16 0.50
CA ASP A 97 4.61 -9.04 -0.42
C ASP A 97 4.83 -7.73 0.32
N ILE A 98 6.08 -7.43 0.59
CA ILE A 98 6.46 -6.32 1.45
C ILE A 98 7.82 -5.82 0.96
N ALA A 99 8.01 -4.51 0.94
CA ALA A 99 9.24 -3.88 0.43
C ALA A 99 9.51 -2.61 1.21
N LEU A 100 10.77 -2.21 1.28
CA LEU A 100 11.18 -0.96 1.92
C LEU A 100 11.94 -0.09 0.92
N LEU A 101 11.64 1.21 0.93
CA LEU A 101 12.35 2.18 0.12
C LEU A 101 12.99 3.20 1.06
N LYS A 102 14.33 3.27 1.06
CA LYS A 102 15.01 4.34 1.77
C LYS A 102 15.06 5.54 0.84
N ILE A 103 14.47 6.64 1.29
CA ILE A 103 14.30 7.81 0.45
C ILE A 103 15.33 8.88 0.78
N ARG A 104 15.76 9.60 -0.24
CA ARG A 104 16.75 10.65 -0.06
C ARG A 104 16.55 11.67 -1.16
N SER A 105 16.40 12.95 -0.77
CA SER A 105 16.22 14.02 -1.74
C SER A 105 17.54 14.33 -2.45
N LYS A 106 17.46 15.08 -3.54
CA LYS A 106 18.65 15.56 -4.25
C LYS A 106 19.63 16.29 -3.32
N GLU A 107 19.08 16.93 -2.31
CA GLU A 107 19.84 17.66 -1.30
C GLU A 107 20.33 16.76 -0.16
N GLY A 108 20.05 15.47 -0.26
CA GLY A 108 20.53 14.49 0.71
C GLY A 108 19.71 14.39 1.98
N ARG A 109 18.46 14.85 1.93
CA ARG A 109 17.60 14.84 3.12
C ARG A 109 16.46 13.83 3.03
N CYS A 110 15.95 13.46 4.21
CA CYS A 110 14.77 12.60 4.31
C CYS A 110 13.51 13.46 4.48
N ALA A 111 12.40 12.81 4.82
CA ALA A 111 11.13 13.52 4.98
C ALA A 111 11.19 14.49 6.15
N GLN A 112 10.57 15.65 5.95
CA GLN A 112 10.43 16.66 6.99
C GLN A 112 8.92 16.76 7.27
N PRO A 113 8.48 16.36 8.48
CA PRO A 113 7.05 16.44 8.82
C PRO A 113 6.45 17.82 8.65
N SER A 114 5.22 17.84 8.14
CA SER A 114 4.44 19.06 7.92
C SER A 114 2.96 18.72 8.05
N ARG A 115 2.10 19.66 7.70
CA ARG A 115 0.67 19.39 7.70
C ARG A 115 0.30 18.30 6.69
N THR A 116 1.14 18.13 5.68
CA THR A 116 0.86 17.17 4.59
C THR A 116 1.79 15.96 4.56
N ILE A 117 2.75 15.91 5.49
CA ILE A 117 3.75 14.83 5.51
C ILE A 117 3.94 14.39 6.95
N GLN A 118 3.55 13.15 7.27
N GLN A 118 3.51 13.17 7.28
CA GLN A 118 3.59 12.60 8.62
CA GLN A 118 3.62 12.59 8.62
C GLN A 118 3.75 11.07 8.59
C GLN A 118 3.97 11.12 8.50
N THR A 119 4.39 10.50 9.61
CA THR A 119 4.59 9.04 9.65
C THR A 119 3.35 8.34 10.20
N ILE A 120 3.23 7.04 9.91
CA ILE A 120 2.19 6.20 10.47
C ILE A 120 2.83 5.17 11.40
N ALA A 121 2.19 4.91 12.54
CA ALA A 121 2.67 3.94 13.52
C ALA A 121 2.55 2.52 13.00
N LEU A 122 3.54 1.70 13.32
CA LEU A 122 3.47 0.27 13.10
C LEU A 122 2.69 -0.41 14.22
N PRO A 123 2.05 -1.56 13.93
CA PRO A 123 1.35 -2.30 14.99
C PRO A 123 2.34 -2.97 15.94
N SER A 124 1.82 -3.42 17.09
CA SER A 124 2.53 -4.36 17.96
C SER A 124 2.51 -5.72 17.28
N MET A 125 3.51 -6.57 17.56
CA MET A 125 3.60 -7.87 16.89
C MET A 125 2.35 -8.70 17.18
N TYR A 126 1.83 -9.32 16.13
CA TYR A 126 0.66 -10.19 16.26
C TYR A 126 -0.53 -9.51 16.97
N ASN A 127 -0.66 -8.19 16.78
CA ASN A 127 -1.74 -7.43 17.42
C ASN A 127 -2.57 -6.71 16.38
N ASP A 128 -3.65 -7.36 15.97
CA ASP A 128 -4.52 -6.85 14.92
C ASP A 128 -5.94 -6.67 15.43
N PRO A 129 -6.73 -5.81 14.77
CA PRO A 129 -8.10 -5.61 15.20
C PRO A 129 -8.94 -6.87 14.98
N GLN A 130 -10.02 -6.99 15.73
CA GLN A 130 -10.96 -8.10 15.60
C GLN A 130 -11.57 -8.10 14.22
N PHE A 131 -11.95 -9.26 13.72
CA PHE A 131 -12.58 -9.28 12.43
C PHE A 131 -13.95 -8.63 12.51
N GLY A 132 -14.36 -7.98 11.43
CA GLY A 132 -15.52 -7.10 11.44
C GLY A 132 -15.19 -5.64 11.71
N THR A 133 -13.96 -5.37 12.17
CA THR A 133 -13.48 -4.00 12.37
C THR A 133 -13.41 -3.25 11.05
N SER A 134 -13.83 -2.00 11.07
CA SER A 134 -13.75 -1.14 9.89
C SER A 134 -12.39 -0.47 9.83
N CYS A 135 -11.73 -0.60 8.67
CA CYS A 135 -10.45 0.07 8.42
C CYS A 135 -10.52 0.87 7.13
N GLU A 136 -9.51 1.69 6.91
CA GLU A 136 -9.47 2.50 5.68
C GLU A 136 -8.33 2.12 4.77
N ILE A 137 -8.54 2.31 3.47
CA ILE A 137 -7.53 2.08 2.42
C ILE A 137 -7.46 3.32 1.56
N THR A 138 -6.27 3.59 1.02
CA THR A 138 -6.00 4.82 0.28
C THR A 138 -5.19 4.53 -0.97
N GLY A 139 -5.50 5.20 -2.09
CA GLY A 139 -4.65 5.07 -3.26
C GLY A 139 -5.17 5.76 -4.49
N PHE A 140 -4.34 5.73 -5.53
CA PHE A 140 -4.63 6.29 -6.86
C PHE A 140 -5.06 5.21 -7.87
N GLY A 141 -5.43 4.03 -7.37
CA GLY A 141 -5.81 2.96 -8.29
C GLY A 141 -7.13 3.17 -9.01
N LYS A 142 -7.45 2.25 -9.91
CA LYS A 142 -8.64 2.38 -10.73
C LYS A 142 -9.91 2.56 -9.93
N GLU A 143 -10.81 3.35 -10.49
CA GLU A 143 -12.12 3.57 -9.90
C GLU A 143 -13.16 2.53 -10.33
N GLN A 144 -12.88 1.88 -11.46
CA GLN A 144 -13.70 0.79 -11.99
C GLN A 144 -12.73 -0.20 -12.61
N SER A 145 -13.03 -1.50 -12.49
CA SER A 145 -12.17 -2.53 -13.05
C SER A 145 -11.95 -2.33 -14.54
N THR A 146 -12.98 -1.83 -15.23
CA THR A 146 -12.92 -1.66 -16.67
C THR A 146 -12.23 -0.37 -17.13
N ASP A 147 -11.89 0.52 -16.20
CA ASP A 147 -11.24 1.77 -16.57
C ASP A 147 -9.85 1.54 -17.15
N TYR A 148 -9.45 2.44 -18.03
CA TYR A 148 -8.09 2.46 -18.53
C TYR A 148 -7.25 3.45 -17.70
N LEU A 149 -7.83 4.60 -17.38
CA LEU A 149 -7.16 5.66 -16.63
C LEU A 149 -7.22 5.42 -15.14
N TYR A 150 -6.25 5.99 -14.44
CA TYR A 150 -6.30 6.09 -12.98
C TYR A 150 -6.86 7.46 -12.64
N PRO A 151 -7.54 7.60 -11.49
CA PRO A 151 -8.01 8.93 -11.06
C PRO A 151 -6.86 9.90 -10.85
N GLU A 152 -7.10 11.16 -11.18
CA GLU A 152 -6.13 12.22 -10.91
C GLU A 152 -6.08 12.64 -9.45
N GLN A 153 -7.16 12.40 -8.72
CA GLN A 153 -7.25 12.78 -7.31
C GLN A 153 -7.23 11.55 -6.40
N LEU A 154 -6.52 11.65 -5.30
CA LEU A 154 -6.38 10.55 -4.34
C LEU A 154 -7.75 10.15 -3.79
N LYS A 155 -7.93 8.86 -3.52
CA LYS A 155 -9.17 8.31 -3.00
C LYS A 155 -8.93 7.50 -1.75
N MET A 156 -9.99 7.34 -0.97
CA MET A 156 -9.99 6.41 0.12
C MET A 156 -11.35 5.78 0.30
N THR A 157 -11.37 4.64 0.96
CA THR A 157 -12.63 4.00 1.31
C THR A 157 -12.47 3.21 2.59
N VAL A 158 -13.59 2.65 3.05
CA VAL A 158 -13.63 1.82 4.26
C VAL A 158 -13.97 0.38 3.87
N VAL A 159 -13.20 -0.55 4.43
CA VAL A 159 -13.48 -1.97 4.27
C VAL A 159 -13.42 -2.64 5.64
N LYS A 160 -14.09 -3.79 5.76
CA LYS A 160 -14.12 -4.53 7.03
C LYS A 160 -13.21 -5.76 7.00
N LEU A 161 -12.49 -6.01 8.07
CA LEU A 161 -11.60 -7.16 8.18
C LEU A 161 -12.39 -8.45 8.20
N ILE A 162 -11.87 -9.42 7.49
CA ILE A 162 -12.47 -10.73 7.36
C ILE A 162 -11.56 -11.77 8.01
N SER A 163 -12.15 -12.68 8.77
CA SER A 163 -11.39 -13.71 9.46
C SER A 163 -10.65 -14.62 8.49
N HIS A 164 -9.52 -15.19 8.93
CA HIS A 164 -8.83 -16.17 8.13
C HIS A 164 -9.75 -17.35 7.82
N ARG A 165 -10.57 -17.76 8.80
CA ARG A 165 -11.53 -18.85 8.60
C ARG A 165 -12.49 -18.59 7.44
N GLU A 166 -13.03 -17.37 7.38
CA GLU A 166 -13.95 -17.03 6.29
C GLU A 166 -13.23 -16.91 4.95
N CYS A 167 -12.05 -16.31 4.96
CA CYS A 167 -11.31 -16.09 3.72
C CYS A 167 -10.69 -17.35 3.12
N GLN A 168 -10.41 -18.35 3.96
CA GLN A 168 -9.84 -19.62 3.50
C GLN A 168 -10.90 -20.58 2.96
N GLN A 169 -12.19 -20.22 3.06
CA GLN A 169 -13.22 -21.05 2.45
C GLN A 169 -12.94 -21.23 0.95
N PRO A 170 -13.22 -22.42 0.39
CA PRO A 170 -13.02 -22.59 -1.05
C PRO A 170 -13.72 -21.55 -1.92
N HIS A 171 -14.93 -21.13 -1.53
CA HIS A 171 -15.68 -20.12 -2.32
C HIS A 171 -15.19 -18.69 -2.15
N TYR A 172 -14.32 -18.47 -1.16
CA TYR A 172 -13.53 -17.24 -1.08
C TYR A 172 -12.19 -17.53 -1.78
N TYR A 173 -11.09 -17.66 -1.04
CA TYR A 173 -9.77 -17.86 -1.67
C TYR A 173 -9.05 -19.18 -1.37
N GLY A 174 -9.63 -20.02 -0.52
CA GLY A 174 -9.02 -21.30 -0.20
C GLY A 174 -7.62 -21.15 0.37
N SER A 175 -6.69 -21.96 -0.13
CA SER A 175 -5.32 -22.01 0.36
C SER A 175 -4.44 -20.85 -0.11
N GLU A 176 -4.97 -19.99 -0.97
CA GLU A 176 -4.24 -18.83 -1.47
C GLU A 176 -3.91 -17.83 -0.36
N VAL A 177 -4.76 -17.81 0.68
CA VAL A 177 -4.59 -16.89 1.80
C VAL A 177 -3.91 -17.54 3.00
N THR A 178 -2.81 -16.96 3.44
CA THR A 178 -2.06 -17.49 4.58
C THR A 178 -2.32 -16.66 5.81
N THR A 179 -1.82 -17.10 6.96
CA THR A 179 -1.91 -16.33 8.19
C THR A 179 -1.07 -15.03 8.19
N LYS A 180 -0.17 -14.89 7.20
CA LYS A 180 0.62 -13.65 7.03
C LYS A 180 -0.10 -12.63 6.14
N MET A 181 -1.35 -12.95 5.80
CA MET A 181 -2.19 -12.08 4.99
C MET A 181 -3.46 -11.74 5.76
N LEU A 182 -4.10 -10.66 5.35
CA LEU A 182 -5.39 -10.25 5.90
C LEU A 182 -6.35 -9.96 4.76
N CYS A 183 -7.56 -10.47 4.87
CA CYS A 183 -8.62 -10.14 3.91
C CYS A 183 -9.47 -9.01 4.46
N ALA A 184 -9.94 -8.16 3.56
CA ALA A 184 -10.89 -7.11 3.93
C ALA A 184 -11.79 -6.82 2.75
N ALA A 185 -13.06 -6.58 3.05
CA ALA A 185 -14.04 -6.28 2.00
C ALA A 185 -15.22 -5.50 2.55
N ASP A 186 -16.04 -4.99 1.62
CA ASP A 186 -17.29 -4.34 1.95
C ASP A 186 -18.39 -5.41 2.06
N PRO A 187 -19.32 -5.28 3.04
CA PRO A 187 -20.39 -6.29 3.16
C PRO A 187 -21.26 -6.46 1.90
N GLN A 188 -21.40 -5.39 1.11
CA GLN A 188 -22.12 -5.41 -0.17
C GLN A 188 -21.18 -5.60 -1.37
N TRP A 189 -19.88 -5.74 -1.09
CA TRP A 189 -18.85 -5.90 -2.14
C TRP A 189 -18.79 -4.70 -3.09
N LYS A 190 -19.22 -3.54 -2.63
CA LYS A 190 -19.41 -2.39 -3.51
C LYS A 190 -18.22 -1.42 -3.54
N THR A 191 -17.26 -1.65 -2.66
CA THR A 191 -16.08 -0.78 -2.59
C THR A 191 -14.87 -1.67 -2.25
N ASP A 192 -13.69 -1.30 -2.76
CA ASP A 192 -12.52 -2.20 -2.68
C ASP A 192 -11.31 -1.50 -3.22
N SER A 193 -10.14 -2.08 -2.95
CA SER A 193 -8.93 -1.67 -3.66
C SER A 193 -8.96 -2.26 -5.07
N CYS A 194 -8.14 -1.70 -5.96
CA CYS A 194 -8.07 -2.20 -7.32
C CYS A 194 -6.69 -1.94 -7.90
N GLN A 195 -6.49 -2.30 -9.17
CA GLN A 195 -5.22 -2.11 -9.84
C GLN A 195 -4.69 -0.68 -9.65
N GLY A 196 -3.44 -0.56 -9.21
CA GLY A 196 -2.87 0.75 -8.92
C GLY A 196 -2.86 1.11 -7.44
N ASP A 197 -3.65 0.41 -6.65
CA ASP A 197 -3.69 0.64 -5.21
C ASP A 197 -2.63 -0.15 -4.43
N SER A 198 -1.97 -1.09 -5.11
CA SER A 198 -0.97 -1.95 -4.49
C SER A 198 0.08 -1.14 -3.77
N GLY A 199 0.55 -1.69 -2.65
CA GLY A 199 1.57 -1.05 -1.85
C GLY A 199 1.08 -0.04 -0.84
N GLY A 200 -0.15 0.44 -1.00
CA GLY A 200 -0.69 1.46 -0.12
C GLY A 200 -1.20 0.93 1.20
N PRO A 201 -1.62 1.85 2.09
CA PRO A 201 -1.94 1.54 3.47
C PRO A 201 -3.36 1.05 3.70
N LEU A 202 -3.44 0.03 4.53
CA LEU A 202 -4.67 -0.34 5.25
C LEU A 202 -4.46 0.08 6.69
N VAL A 203 -5.23 1.07 7.14
CA VAL A 203 -5.05 1.72 8.44
C VAL A 203 -6.25 1.42 9.33
N CYS A 204 -5.99 0.93 10.52
CA CYS A 204 -7.04 0.63 11.51
C CYS A 204 -6.69 1.40 12.77
N SER A 205 -7.74 1.74 13.53
CA SER A 205 -7.56 2.39 14.82
C SER A 205 -7.58 1.32 15.88
N LEU A 206 -6.43 1.11 16.52
CA LEU A 206 -6.30 0.18 17.65
C LEU A 206 -5.89 0.95 18.88
N GLN A 207 -6.74 0.90 19.91
CA GLN A 207 -6.46 1.53 21.21
C GLN A 207 -6.34 3.05 21.10
N GLY A 208 -7.00 3.62 20.10
CA GLY A 208 -6.94 5.07 19.84
C GLY A 208 -5.84 5.49 18.90
N ARG A 209 -5.02 4.52 18.46
CA ARG A 209 -3.86 4.80 17.63
C ARG A 209 -4.09 4.33 16.19
N MET A 210 -3.93 5.25 15.24
CA MET A 210 -3.97 4.90 13.82
C MET A 210 -2.74 4.04 13.52
N THR A 211 -2.97 2.88 12.92
CA THR A 211 -1.95 1.85 12.83
C THR A 211 -1.89 1.29 11.43
N LEU A 212 -0.69 1.04 10.91
CA LEU A 212 -0.55 0.39 9.60
C LEU A 212 -0.74 -1.09 9.75
N THR A 213 -1.96 -1.52 9.67
CA THR A 213 -2.34 -2.90 9.83
C THR A 213 -1.99 -3.72 8.57
N GLY A 214 -2.15 -3.13 7.37
CA GLY A 214 -1.91 -3.89 6.15
C GLY A 214 -1.33 -3.07 5.04
N ILE A 215 -0.88 -3.79 4.01
CA ILE A 215 -0.33 -3.21 2.79
C ILE A 215 -1.09 -3.86 1.65
N VAL A 216 -1.67 -3.05 0.76
CA VAL A 216 -2.46 -3.59 -0.36
C VAL A 216 -1.59 -4.55 -1.18
N SER A 217 -2.07 -5.78 -1.36
CA SER A 217 -1.25 -6.80 -2.01
C SER A 217 -1.88 -7.44 -3.26
N TRP A 218 -3.04 -8.08 -3.13
CA TRP A 218 -3.63 -8.78 -4.26
C TRP A 218 -5.12 -9.02 -4.11
N GLY A 219 -5.76 -9.47 -5.19
CA GLY A 219 -7.17 -9.82 -5.13
C GLY A 219 -7.62 -10.33 -6.49
N ARG A 220 -8.66 -11.16 -6.49
CA ARG A 220 -9.24 -11.58 -7.76
C ARG A 220 -10.31 -10.59 -8.18
N GLY A 221 -9.89 -9.74 -9.37
CA GLY A 221 -10.70 -8.58 -9.73
C GLY A 221 -10.83 -7.58 -8.59
N CYS A 222 -11.93 -6.83 -8.59
CA CYS A 222 -12.13 -5.75 -7.64
C CYS A 222 -13.61 -5.61 -7.37
N ALA A 223 -13.96 -5.45 -6.09
CA ALA A 223 -15.34 -5.29 -5.68
C ALA A 223 -16.21 -6.39 -6.26
N LEU A 224 -15.73 -7.63 -6.16
CA LEU A 224 -16.46 -8.81 -6.61
C LEU A 224 -16.89 -9.64 -5.42
N LYS A 225 -18.12 -10.14 -5.47
CA LYS A 225 -18.66 -11.01 -4.44
C LYS A 225 -17.72 -12.18 -4.13
N ASP A 226 -17.48 -12.38 -2.83
CA ASP A 226 -16.67 -13.50 -2.31
C ASP A 226 -15.19 -13.43 -2.68
N LYS A 227 -14.73 -12.26 -3.12
CA LYS A 227 -13.35 -12.07 -3.51
C LYS A 227 -12.82 -10.81 -2.82
N PRO A 228 -12.43 -10.93 -1.54
CA PRO A 228 -11.94 -9.74 -0.83
C PRO A 228 -10.63 -9.18 -1.38
N GLY A 229 -10.32 -7.96 -0.99
CA GLY A 229 -8.96 -7.50 -1.11
C GLY A 229 -8.06 -8.22 -0.10
N VAL A 230 -6.80 -8.44 -0.48
CA VAL A 230 -5.86 -9.15 0.39
C VAL A 230 -4.66 -8.24 0.63
N TYR A 231 -4.20 -8.26 1.89
CA TYR A 231 -3.25 -7.30 2.42
C TYR A 231 -2.15 -8.06 3.14
N THR A 232 -0.92 -7.57 3.02
CA THR A 232 0.17 -8.11 3.81
C THR A 232 -0.08 -7.74 5.26
N ARG A 233 0.03 -8.71 6.16
CA ARG A 233 -0.26 -8.52 7.59
C ARG A 233 1.00 -7.97 8.28
N VAL A 234 1.09 -6.65 8.37
CA VAL A 234 2.28 -5.96 8.87
C VAL A 234 2.75 -6.46 10.24
N SER A 235 1.80 -6.80 11.11
CA SER A 235 2.15 -7.21 12.47
C SER A 235 2.92 -8.54 12.53
N HIS A 236 3.03 -9.23 11.39
CA HIS A 236 3.78 -10.48 11.29
C HIS A 236 5.15 -10.29 10.65
N PHE A 237 5.53 -9.04 10.40
CA PHE A 237 6.79 -8.72 9.73
C PHE A 237 7.68 -7.74 10.48
N LEU A 238 7.41 -7.52 11.78
CA LEU A 238 8.15 -6.50 12.51
C LEU A 238 9.67 -6.73 12.62
N PRO A 239 10.10 -7.99 12.81
CA PRO A 239 11.55 -8.19 12.85
C PRO A 239 12.20 -7.91 11.49
N TRP A 240 11.55 -8.33 10.39
CA TRP A 240 12.04 -8.00 9.05
C TRP A 240 12.15 -6.48 8.87
N ILE A 241 11.12 -5.75 9.28
CA ILE A 241 11.11 -4.29 9.12
C ILE A 241 12.23 -3.64 9.92
N ARG A 242 12.37 -4.07 11.18
CA ARG A 242 13.36 -3.47 12.06
C ARG A 242 14.80 -3.68 11.63
N SER A 243 15.11 -4.88 11.16
CA SER A 243 16.46 -5.15 10.67
C SER A 243 16.78 -4.36 9.39
N HIS A 244 15.87 -4.38 8.42
CA HIS A 244 16.17 -3.75 7.14
C HIS A 244 16.12 -2.22 7.13
N THR A 245 15.46 -1.62 8.10
CA THR A 245 15.45 -0.16 8.21
C THR A 245 16.75 0.41 8.80
N LYS A 246 17.68 -0.48 9.13
CA LYS A 246 19.03 -0.06 9.56
C LYS A 246 20.04 -0.18 8.40
N GLU A 247 19.51 -0.26 7.18
CA GLU A 247 20.33 -0.45 5.98
C GLU A 247 20.29 0.78 5.09
N ALA B 3 -5.15 -8.86 -10.04
CA ALA B 3 -4.59 -7.84 -10.93
C ALA B 3 -4.38 -6.53 -10.19
N ARG B 4 -4.76 -6.48 -8.95
CA ARG B 4 -4.43 -5.38 -8.04
C ARG B 4 -3.28 -5.86 -7.24
N GLY C 1 -0.52 -7.97 -7.59
CA GLY C 1 -0.57 -7.33 -8.90
C GLY C 1 0.57 -7.67 -9.80
N LEU C 2 1.40 -8.66 -9.47
CA LEU C 2 2.34 -9.08 -10.49
C LEU C 2 3.50 -8.12 -10.77
#